data_6E3T
#
_entry.id   6E3T
#
_cell.length_a   49.032
_cell.length_b   97.981
_cell.length_c   77.427
_cell.angle_alpha   90.00
_cell.angle_beta   107.10
_cell.angle_gamma   90.00
#
_symmetry.space_group_name_H-M   'P 1 21 1'
#
loop_
_entity.id
_entity.type
_entity.pdbx_description
1 polymer 'Aryl hydrocarbon receptor nuclear translocator'
2 polymer 'Endothelial PAS domain-containing protein 1'
3 non-polymer (6S)-6-(4-bromophenyl)-2,3,5,6-tetrahydroimidazo[2,1-b][1,3]thiazole
#
loop_
_entity_poly.entity_id
_entity_poly.type
_entity_poly.pdbx_seq_one_letter_code
_entity_poly.pdbx_strand_id
1 'polypeptide(L)'
;MSSADKERLARENHSEIERRRRNKMTAYITELSDMVPTCSALARKPDKLTILRMAVSHMKSLRGTGNTSTDGSYKPSFLT
DQELKHLILEAADGFLFIVSCETGRVVYVSDSVTPVLNQPQSEWFGSTLYDQVHPDDVDKLREQLSTSENALTGRVLDLK
TGTVKKEGQQSSMRMCMGSRRSFICRMRCGTSSVDPVSMNRLSFLRNRCRNGLGSVKEGEPHFVVVHCTGYIKAWPPAGV
SLPDDDPEAGQGSKFCLVAIGRLQVTSSPNCTDMSNICQPTEFISRHNIEGIFTFVDHRCVATVGYQPQELLGKNIVEFC
HPEDQQLLRDSFQQVVKLKGQVLSVMFRFRSKTREWLWMRTSSFTFQNPYSDEIEYIICTNTNV
;
A
2 'polypeptide(L)'
;MADKEKKRSSSELRKEKSRDAARCRRSKETEVFYELAHELPLPHSVSSHLDKASIMRLAISFLRTHKLLSSVCSENESEA
EADQQMDNLYLKALEGFIAVVTQDGDMIFLSENISKFMGLTQVELTGHSIFDFTHPCDHEEIRENLTLKNGSGFGKKSKD
VSTERDFFMRMKCTVTNRGRTVNLKSATWKVLHCTGQVRVYNNCPPHSSLCGSKEPLLSCLIIMCEPIQHPSHMDIPLDS
KTFLSRHSMDMKFTYCDDRILELIGYHPEELLGRSAYEFYHALDSENMTKSHQNLCTKGQVVSGQYRMLAKHGGYVWLET
QGTVIYNPRNLQPQCIMCVNYVLSEIEKNDVVFSMDQTESLEHHHHHH
;
B
#
loop_
_chem_comp.id
_chem_comp.type
_chem_comp.name
_chem_comp.formula
HO7 non-polymer (6S)-6-(4-bromophenyl)-2,3,5,6-tetrahydroimidazo[2,1-b][1,3]thiazole 'C11 H11 Br N2 S'
#
# COMPACT_ATOMS: atom_id res chain seq x y z
N ASN A 23 -2.24 38.16 -16.40
CA ASN A 23 -1.08 38.07 -15.52
C ASN A 23 -0.51 36.66 -15.49
N LYS A 24 -1.37 35.65 -15.62
CA LYS A 24 -0.91 34.27 -15.60
C LYS A 24 -0.40 33.80 -16.97
N MET A 25 -0.97 34.33 -18.07
CA MET A 25 -0.37 34.09 -19.38
C MET A 25 1.04 34.64 -19.42
N THR A 26 1.22 35.86 -18.91
CA THR A 26 2.54 36.45 -18.83
C THR A 26 3.45 35.62 -17.92
N ALA A 27 2.97 35.20 -16.75
CA ALA A 27 3.78 34.33 -15.90
C ALA A 27 4.10 33.00 -16.59
N TYR A 28 3.23 32.54 -17.48
CA TYR A 28 3.61 31.41 -18.32
C TYR A 28 4.64 31.83 -19.38
N ILE A 29 4.42 32.99 -20.03
CA ILE A 29 5.42 33.56 -20.94
C ILE A 29 6.79 33.61 -20.27
N THR A 30 6.84 34.17 -19.07
CA THR A 30 8.10 34.34 -18.37
C THR A 30 8.67 33.01 -17.90
N GLU A 31 7.83 32.18 -17.27
CA GLU A 31 8.27 30.86 -16.83
C GLU A 31 8.78 30.02 -18.00
N LEU A 32 8.02 29.93 -19.08
CA LEU A 32 8.49 29.24 -20.28
C LEU A 32 9.90 29.69 -20.66
N SER A 33 10.08 31.01 -20.79
CA SER A 33 11.36 31.53 -21.19
C SER A 33 12.44 31.20 -20.17
N ASP A 34 12.14 31.28 -18.88
CA ASP A 34 13.15 30.89 -17.90
C ASP A 34 13.55 29.45 -18.09
N MET A 35 12.63 28.64 -18.61
CA MET A 35 12.86 27.21 -18.77
C MET A 35 13.58 26.87 -20.07
N VAL A 36 13.43 27.72 -21.10
CA VAL A 36 14.16 27.62 -22.36
C VAL A 36 15.52 28.22 -22.11
N PRO A 37 16.58 27.41 -21.97
CA PRO A 37 17.91 28.01 -21.79
C PRO A 37 18.31 28.85 -22.98
N THR A 38 17.96 28.40 -24.18
CA THR A 38 18.24 29.15 -25.40
C THR A 38 17.61 30.53 -25.37
N CYS A 39 16.48 30.68 -24.69
CA CYS A 39 15.80 31.97 -24.61
C CYS A 39 16.32 32.84 -23.45
N SER A 40 16.55 32.20 -22.31
CA SER A 40 16.90 32.88 -21.06
C SER A 40 18.40 33.06 -20.91
N ALA A 41 19.19 32.56 -21.86
CA ALA A 41 20.60 32.89 -21.98
C ALA A 41 20.84 34.13 -22.83
N LEU A 42 19.84 35.01 -22.95
CA LEU A 42 19.90 36.16 -23.82
C LEU A 42 19.88 37.46 -23.03
N ALA A 43 20.49 38.50 -23.61
CA ALA A 43 20.66 39.80 -22.95
C ALA A 43 19.33 40.46 -22.58
N ARG A 44 18.24 40.14 -23.28
CA ARG A 44 16.96 40.77 -23.04
C ARG A 44 15.86 39.70 -22.98
N LYS A 45 14.63 40.16 -22.77
CA LYS A 45 13.45 39.31 -22.85
C LYS A 45 12.71 39.59 -24.17
N PRO A 46 12.69 38.64 -25.11
CA PRO A 46 11.90 38.85 -26.34
C PRO A 46 10.39 38.67 -26.13
N ASP A 47 9.69 38.63 -27.26
CA ASP A 47 8.24 38.70 -27.28
C ASP A 47 7.58 37.37 -27.55
N LYS A 48 6.26 37.39 -27.42
CA LYS A 48 5.48 36.17 -27.44
C LYS A 48 5.56 35.41 -28.75
N LEU A 49 5.28 36.07 -29.89
CA LEU A 49 5.51 35.37 -31.15
C LEU A 49 6.86 34.68 -31.09
N THR A 50 7.93 35.43 -30.78
CA THR A 50 9.24 34.83 -30.65
C THR A 50 9.32 33.83 -29.51
N ILE A 51 8.85 34.21 -28.33
CA ILE A 51 8.96 33.32 -27.18
C ILE A 51 8.23 32.03 -27.50
N LEU A 52 7.08 32.13 -28.15
CA LEU A 52 6.35 30.94 -28.56
C LEU A 52 7.16 30.15 -29.58
N ARG A 53 7.80 30.86 -30.50
CA ARG A 53 8.63 30.25 -31.54
C ARG A 53 9.84 29.48 -31.03
N MET A 54 10.55 30.03 -30.04
CA MET A 54 11.72 29.34 -29.50
C MET A 54 11.37 28.22 -28.56
N ALA A 55 10.23 28.27 -27.91
CA ALA A 55 9.74 27.06 -27.29
C ALA A 55 9.56 25.97 -28.34
N VAL A 56 8.91 26.34 -29.47
CA VAL A 56 8.59 25.35 -30.50
C VAL A 56 9.85 24.66 -31.01
N SER A 57 10.88 25.42 -31.33
CA SER A 57 12.11 24.81 -31.80
C SER A 57 12.85 24.12 -30.67
N HIS A 58 12.71 24.63 -29.44
CA HIS A 58 13.47 24.07 -28.34
C HIS A 58 12.99 22.68 -27.93
N MET A 59 11.75 22.33 -28.29
CA MET A 59 11.24 20.98 -28.08
C MET A 59 11.15 20.18 -29.38
N LYS A 60 11.02 20.86 -30.53
CA LYS A 60 11.29 20.20 -31.80
C LYS A 60 12.67 19.55 -31.80
N SER A 61 13.63 20.15 -31.06
CA SER A 61 14.90 19.46 -30.77
C SER A 61 14.64 18.13 -30.09
N LEU A 62 14.14 18.17 -28.87
CA LEU A 62 13.96 16.96 -28.07
C LEU A 62 12.69 16.26 -28.54
N GLU A 83 12.15 6.49 -20.32
CA GLU A 83 12.12 7.41 -19.17
C GLU A 83 11.08 7.02 -18.16
N LEU A 84 9.94 6.61 -18.70
CA LEU A 84 8.86 6.12 -17.86
C LEU A 84 9.37 5.03 -16.91
N LYS A 85 10.19 4.10 -17.41
CA LYS A 85 10.71 3.08 -16.51
C LYS A 85 11.51 3.69 -15.34
N HIS A 86 12.15 4.84 -15.54
CA HIS A 86 12.81 5.52 -14.41
C HIS A 86 11.81 6.08 -13.42
N LEU A 87 10.77 6.74 -13.91
CA LEU A 87 9.65 7.11 -13.06
C LEU A 87 9.10 5.90 -12.31
N ILE A 88 8.96 4.76 -13.00
CA ILE A 88 8.44 3.58 -12.30
C ILE A 88 9.40 3.16 -11.20
N LEU A 89 10.66 2.88 -11.59
CA LEU A 89 11.63 2.37 -10.62
C LEU A 89 11.97 3.41 -9.58
N GLU A 90 11.85 4.68 -9.92
CA GLU A 90 12.09 5.70 -8.91
C GLU A 90 10.92 5.79 -7.93
N ALA A 91 9.70 5.48 -8.38
CA ALA A 91 8.56 5.60 -7.49
C ALA A 91 8.38 4.40 -6.59
N ALA A 92 8.33 3.20 -7.19
CA ALA A 92 7.91 2.02 -6.46
C ALA A 92 8.98 0.95 -6.36
N ASP A 93 10.14 1.18 -6.95
CA ASP A 93 11.16 0.13 -7.06
C ASP A 93 10.62 -1.03 -7.87
N GLY A 94 9.83 -0.70 -8.88
CA GLY A 94 9.33 -1.66 -9.83
C GLY A 94 10.21 -1.83 -11.05
N PHE A 95 10.03 -2.97 -11.71
CA PHE A 95 10.69 -3.35 -12.96
C PHE A 95 9.68 -4.08 -13.84
N LEU A 96 9.92 -4.08 -15.14
CA LEU A 96 9.05 -4.75 -16.10
C LEU A 96 9.66 -6.08 -16.53
N PHE A 97 8.78 -7.03 -16.90
CA PHE A 97 9.19 -8.33 -17.42
C PHE A 97 8.04 -8.92 -18.24
N ILE A 98 8.40 -9.82 -19.16
CA ILE A 98 7.48 -10.34 -20.16
C ILE A 98 7.72 -11.84 -20.17
N VAL A 99 6.72 -12.62 -19.81
CA VAL A 99 6.87 -14.06 -19.89
C VAL A 99 5.88 -14.67 -20.86
N SER A 100 6.18 -15.89 -21.30
CA SER A 100 5.23 -16.68 -22.06
C SER A 100 4.21 -17.27 -21.09
N CYS A 101 2.92 -17.15 -21.44
CA CYS A 101 1.89 -17.75 -20.61
C CYS A 101 1.92 -19.27 -20.71
N GLU A 102 2.19 -19.79 -21.90
CA GLU A 102 2.07 -21.22 -22.12
C GLU A 102 3.02 -21.99 -21.19
N THR A 103 4.25 -21.52 -21.05
CA THR A 103 5.24 -22.24 -20.28
C THR A 103 5.83 -21.44 -19.12
N GLY A 104 5.67 -20.12 -19.11
CA GLY A 104 6.15 -19.32 -18.01
C GLY A 104 7.58 -18.89 -18.15
N ARG A 105 8.11 -18.90 -19.35
CA ARG A 105 9.51 -18.56 -19.55
C ARG A 105 9.57 -17.15 -20.09
N VAL A 106 10.67 -16.46 -19.75
CA VAL A 106 10.78 -15.03 -19.93
C VAL A 106 11.14 -14.70 -21.37
N VAL A 107 10.37 -13.80 -21.97
CA VAL A 107 10.64 -13.30 -23.31
C VAL A 107 11.21 -11.89 -23.29
N TYR A 108 11.08 -11.17 -22.19
CA TYR A 108 11.82 -9.93 -21.99
C TYR A 108 11.92 -9.64 -20.49
N VAL A 109 13.05 -9.05 -20.10
CA VAL A 109 13.19 -8.47 -18.76
C VAL A 109 13.78 -7.06 -18.89
N SER A 110 13.12 -6.09 -18.27
CA SER A 110 13.72 -4.78 -18.06
C SER A 110 15.00 -4.94 -17.27
N ASP A 111 15.95 -4.04 -17.52
CA ASP A 111 17.14 -4.08 -16.71
C ASP A 111 16.88 -3.65 -15.28
N SER A 112 15.71 -3.08 -14.97
CA SER A 112 15.54 -2.61 -13.60
C SER A 112 15.62 -3.76 -12.60
N VAL A 113 15.70 -4.98 -13.08
CA VAL A 113 15.80 -6.13 -12.19
C VAL A 113 17.01 -6.00 -11.29
N THR A 114 18.12 -5.52 -11.82
CA THR A 114 19.31 -5.41 -11.00
C THR A 114 19.13 -4.40 -9.88
N PRO A 115 18.70 -3.16 -10.13
CA PRO A 115 18.44 -2.28 -8.98
C PRO A 115 17.36 -2.83 -8.09
N VAL A 116 16.29 -3.36 -8.67
CA VAL A 116 15.13 -3.68 -7.85
C VAL A 116 15.45 -4.86 -6.94
N LEU A 117 15.90 -5.97 -7.50
CA LEU A 117 16.05 -7.15 -6.68
C LEU A 117 17.43 -7.78 -6.81
N ASN A 118 18.41 -7.03 -7.30
CA ASN A 118 19.81 -7.41 -7.24
C ASN A 118 20.13 -8.53 -8.22
N GLN A 119 19.21 -8.86 -9.10
CA GLN A 119 19.65 -9.92 -10.01
C GLN A 119 20.19 -9.34 -11.31
N PRO A 120 21.13 -10.04 -11.97
CA PRO A 120 21.50 -9.67 -13.36
C PRO A 120 20.41 -9.94 -14.40
N GLN A 121 20.22 -8.95 -15.30
CA GLN A 121 19.34 -9.13 -16.44
C GLN A 121 19.73 -10.38 -17.21
N SER A 122 21.04 -10.68 -17.25
CA SER A 122 21.52 -11.88 -17.91
C SER A 122 20.98 -13.13 -17.25
N GLU A 123 20.84 -13.12 -15.93
CA GLU A 123 20.31 -14.32 -15.28
C GLU A 123 18.81 -14.45 -15.50
N TRP A 124 18.07 -13.34 -15.50
CA TRP A 124 16.62 -13.48 -15.65
C TRP A 124 16.25 -13.82 -17.08
N SER A 127 15.13 -17.45 -18.94
CA SER A 127 14.72 -18.43 -17.93
C SER A 127 13.19 -18.47 -17.66
N THR A 128 12.81 -19.04 -16.51
CA THR A 128 11.44 -19.38 -16.16
C THR A 128 11.08 -18.69 -14.86
N LEU A 129 9.91 -18.03 -14.81
CA LEU A 129 9.54 -17.35 -13.57
C LEU A 129 9.43 -18.33 -12.41
N TYR A 130 9.08 -19.58 -12.70
CA TYR A 130 8.95 -20.55 -11.63
C TYR A 130 10.28 -20.71 -10.89
N ASP A 131 11.40 -20.61 -11.60
CA ASP A 131 12.69 -20.69 -10.93
C ASP A 131 12.96 -19.46 -10.07
N GLN A 132 12.35 -18.31 -10.41
CA GLN A 132 12.66 -17.08 -9.68
C GLN A 132 11.80 -16.93 -8.43
N VAL A 133 10.70 -17.65 -8.36
CA VAL A 133 9.68 -17.38 -7.36
C VAL A 133 9.84 -18.39 -6.24
N HIS A 134 9.34 -18.03 -5.06
CA HIS A 134 9.33 -18.97 -3.94
C HIS A 134 8.56 -20.24 -4.27
N PRO A 135 9.05 -21.42 -3.87
CA PRO A 135 8.38 -22.68 -4.30
C PRO A 135 6.90 -22.75 -3.94
N ASP A 136 6.55 -22.33 -2.74
CA ASP A 136 5.17 -22.22 -2.30
C ASP A 136 4.31 -21.23 -3.08
N ASP A 137 4.89 -20.53 -4.07
CA ASP A 137 4.08 -19.68 -4.94
C ASP A 137 3.91 -20.23 -6.36
N VAL A 138 4.49 -21.38 -6.68
CA VAL A 138 4.33 -21.92 -8.02
C VAL A 138 2.84 -22.07 -8.34
N ASP A 139 2.09 -22.61 -7.39
CA ASP A 139 0.66 -22.90 -7.61
C ASP A 139 -0.10 -21.64 -7.97
N LYS A 140 -0.10 -20.69 -7.05
CA LYS A 140 -0.56 -19.34 -7.29
C LYS A 140 -0.19 -18.85 -8.68
N LEU A 141 1.09 -18.97 -9.03
CA LEU A 141 1.55 -18.44 -10.30
C LEU A 141 0.78 -19.13 -11.41
N ARG A 142 0.79 -20.47 -11.40
CA ARG A 142 0.25 -21.24 -12.52
C ARG A 142 -1.18 -20.89 -12.85
N GLU A 143 -1.98 -20.47 -11.88
CA GLU A 143 -3.32 -20.08 -12.28
C GLU A 143 -3.39 -18.60 -12.70
N GLN A 144 -2.33 -17.82 -12.48
CA GLN A 144 -2.32 -16.52 -13.13
C GLN A 144 -1.81 -16.58 -14.56
N LEU A 145 -1.39 -17.75 -15.03
CA LEU A 145 -0.96 -17.88 -16.41
C LEU A 145 -2.01 -18.67 -17.19
N SER A 179 -7.80 -9.94 -21.19
CA SER A 179 -7.97 -9.70 -19.76
C SER A 179 -6.66 -9.29 -19.15
N ARG A 180 -6.72 -8.58 -18.06
CA ARG A 180 -5.51 -8.26 -17.33
C ARG A 180 -5.34 -9.22 -16.14
N ARG A 181 -4.19 -9.10 -15.48
CA ARG A 181 -3.81 -9.98 -14.38
C ARG A 181 -3.13 -9.17 -13.30
N SER A 182 -3.17 -9.68 -12.07
CA SER A 182 -2.57 -8.97 -10.94
C SER A 182 -2.43 -9.86 -9.71
N PHE A 183 -1.27 -9.88 -9.09
CA PHE A 183 -1.08 -10.74 -7.93
C PHE A 183 0.12 -10.29 -7.09
N ILE A 184 0.65 -11.21 -6.29
CA ILE A 184 1.75 -11.01 -5.37
C ILE A 184 2.50 -12.34 -5.28
N CYS A 185 3.79 -12.27 -4.96
CA CYS A 185 4.63 -13.47 -4.82
C CYS A 185 5.98 -13.02 -4.32
N ARG A 186 6.69 -13.91 -3.64
CA ARG A 186 7.97 -13.56 -3.07
C ARG A 186 9.04 -14.25 -3.91
N MET A 187 9.86 -13.43 -4.58
CA MET A 187 10.93 -13.85 -5.49
C MET A 187 12.31 -13.69 -4.83
N ARG A 188 13.29 -14.46 -5.34
CA ARG A 188 14.61 -14.49 -4.71
C ARG A 188 15.45 -13.31 -5.17
N CYS A 189 16.48 -13.00 -4.37
CA CYS A 189 17.41 -11.90 -4.62
C CYS A 189 18.85 -12.29 -4.92
N GLY A 190 19.36 -13.39 -4.36
CA GLY A 190 20.78 -13.71 -4.55
C GLY A 190 21.76 -12.69 -3.98
N THR A 191 23.03 -12.90 -4.33
CA THR A 191 24.10 -12.07 -3.78
C THR A 191 24.63 -11.06 -4.81
N PRO A 221 19.61 -17.83 0.61
CA PRO A 221 18.37 -17.74 -0.19
C PRO A 221 17.35 -16.82 0.47
N HIS A 222 17.24 -15.59 -0.02
CA HIS A 222 16.42 -14.53 0.57
C HIS A 222 15.33 -14.14 -0.42
N PHE A 223 14.09 -14.05 0.06
CA PHE A 223 12.97 -13.71 -0.79
C PHE A 223 12.40 -12.34 -0.43
N VAL A 224 11.89 -11.66 -1.44
CA VAL A 224 11.34 -10.32 -1.27
C VAL A 224 9.94 -10.34 -1.87
N VAL A 225 8.92 -9.86 -1.14
CA VAL A 225 7.57 -9.99 -1.71
C VAL A 225 7.40 -8.84 -2.68
N VAL A 226 6.78 -9.11 -3.83
CA VAL A 226 6.65 -8.15 -4.92
C VAL A 226 5.24 -8.16 -5.50
N HIS A 227 4.58 -6.98 -5.49
CA HIS A 227 3.27 -6.85 -6.10
C HIS A 227 3.38 -6.79 -7.62
N CYS A 228 2.72 -7.71 -8.31
CA CYS A 228 2.85 -7.85 -9.74
C CYS A 228 1.57 -7.42 -10.45
N THR A 229 1.74 -6.67 -11.54
CA THR A 229 0.62 -6.08 -12.28
C THR A 229 0.93 -6.18 -13.76
N GLY A 230 -0.08 -6.52 -14.54
CA GLY A 230 0.08 -6.65 -15.97
C GLY A 230 -1.18 -7.22 -16.60
N TYR A 231 -1.00 -7.95 -17.69
CA TYR A 231 -2.05 -8.31 -18.62
C TYR A 231 -1.49 -9.38 -19.56
N ILE A 232 -2.37 -10.00 -20.33
CA ILE A 232 -1.95 -11.04 -21.26
C ILE A 232 -2.15 -10.50 -22.66
N LYS A 233 -1.10 -10.60 -23.48
CA LYS A 233 -1.15 -10.24 -24.90
C LYS A 233 -0.64 -11.42 -25.70
N ALA A 234 -1.09 -11.51 -26.96
CA ALA A 234 -0.79 -12.65 -27.80
C ALA A 234 0.54 -12.44 -28.51
N TRP A 235 1.42 -13.43 -28.42
CA TRP A 235 2.78 -13.32 -28.97
C TRP A 235 3.41 -14.71 -29.04
N LYS A 254 0.96 -19.83 -26.74
CA LYS A 254 1.50 -18.85 -27.69
C LYS A 254 1.23 -17.44 -27.21
N PHE A 255 0.77 -17.31 -25.97
CA PHE A 255 0.50 -16.00 -25.39
C PHE A 255 1.58 -15.62 -24.37
N CYS A 256 1.50 -14.37 -23.92
CA CYS A 256 2.52 -13.73 -23.10
C CYS A 256 1.87 -12.89 -22.01
N LEU A 257 2.54 -12.84 -20.84
CA LEU A 257 2.22 -11.93 -19.74
C LEU A 257 3.22 -10.78 -19.73
N VAL A 258 2.68 -9.58 -19.58
CA VAL A 258 3.40 -8.32 -19.60
C VAL A 258 3.24 -7.67 -18.22
N ALA A 259 4.26 -7.79 -17.37
CA ALA A 259 4.01 -7.37 -16.00
C ALA A 259 5.07 -6.44 -15.48
N ILE A 260 4.67 -5.77 -14.40
CA ILE A 260 5.51 -4.91 -13.60
C ILE A 260 5.41 -5.41 -12.17
N GLY A 261 6.60 -5.80 -11.61
CA GLY A 261 6.70 -6.15 -10.24
C GLY A 261 7.31 -5.05 -9.46
N ARG A 262 6.64 -4.60 -8.41
CA ARG A 262 7.08 -3.52 -7.56
C ARG A 262 7.26 -4.00 -6.14
N LEU A 263 8.20 -3.36 -5.46
CA LEU A 263 8.55 -3.63 -4.08
C LEU A 263 7.78 -2.68 -3.15
N GLN A 264 7.77 -3.01 -1.85
CA GLN A 264 6.89 -2.35 -0.89
C GLN A 264 7.70 -1.54 0.11
N VAL A 265 6.98 -0.78 0.95
CA VAL A 265 7.57 0.08 1.97
C VAL A 265 7.39 -0.59 3.33
N THR A 266 8.42 -0.53 4.17
CA THR A 266 8.24 -0.91 5.59
C THR A 266 9.36 -0.31 6.45
N THR A 281 15.05 -13.18 27.26
CA THR A 281 15.21 -11.80 27.72
C THR A 281 13.85 -11.19 28.06
N GLU A 282 12.85 -11.59 27.29
CA GLU A 282 11.52 -11.00 27.33
C GLU A 282 10.65 -11.78 26.38
N PHE A 283 9.34 -11.71 26.60
CA PHE A 283 8.40 -12.35 25.70
C PHE A 283 7.07 -11.61 25.82
N ILE A 284 6.31 -11.56 24.73
CA ILE A 284 5.10 -10.74 24.69
C ILE A 284 3.87 -11.63 24.79
N SER A 285 2.94 -11.22 25.62
CA SER A 285 1.72 -11.98 25.82
C SER A 285 0.54 -11.03 25.76
N ARG A 286 -0.66 -11.61 25.85
CA ARG A 286 -1.82 -10.75 25.73
C ARG A 286 -2.96 -11.36 26.52
N HIS A 287 -3.81 -10.52 27.09
CA HIS A 287 -4.78 -10.94 28.09
C HIS A 287 -6.17 -10.39 27.87
N ASN A 288 -7.17 -11.22 28.20
CA ASN A 288 -8.49 -10.67 28.45
C ASN A 288 -8.46 -9.90 29.76
N ILE A 289 -9.44 -9.00 29.90
CA ILE A 289 -9.48 -8.04 31.00
C ILE A 289 -9.17 -8.70 32.35
N GLU A 290 -9.53 -9.99 32.53
CA GLU A 290 -9.36 -10.62 33.84
C GLU A 290 -7.98 -11.18 34.10
N GLY A 291 -7.11 -11.25 33.11
CA GLY A 291 -5.80 -11.83 33.27
C GLY A 291 -5.58 -13.19 32.62
N ILE A 292 -6.49 -13.68 31.79
CA ILE A 292 -6.31 -15.00 31.21
C ILE A 292 -5.48 -14.87 29.94
N PHE A 293 -4.42 -15.69 29.84
CA PHE A 293 -3.53 -15.66 28.69
C PHE A 293 -4.32 -16.00 27.43
N THR A 294 -4.56 -15.01 26.58
CA THR A 294 -5.17 -15.26 25.28
C THR A 294 -4.15 -15.49 24.16
N PHE A 295 -2.90 -15.06 24.35
CA PHE A 295 -1.86 -15.10 23.32
C PHE A 295 -0.48 -15.07 23.96
N VAL A 296 0.44 -15.91 23.45
CA VAL A 296 1.85 -15.81 23.82
C VAL A 296 2.74 -16.23 22.65
N ASP A 297 3.91 -15.61 22.55
CA ASP A 297 4.83 -16.03 21.52
C ASP A 297 5.85 -17.00 22.08
N HIS A 298 6.51 -17.73 21.16
CA HIS A 298 7.32 -18.87 21.56
C HIS A 298 8.36 -18.48 22.60
N ARG A 299 8.75 -17.19 22.65
CA ARG A 299 9.79 -16.77 23.58
C ARG A 299 9.43 -17.01 25.05
N CYS A 300 8.19 -17.44 25.36
CA CYS A 300 7.87 -17.74 26.74
C CYS A 300 8.71 -18.89 27.27
N VAL A 301 8.94 -19.92 26.43
CA VAL A 301 9.74 -21.07 26.87
C VAL A 301 11.16 -20.63 27.18
N ALA A 302 11.69 -19.66 26.44
CA ALA A 302 13.03 -19.16 26.75
C ALA A 302 13.02 -18.25 27.97
N THR A 303 11.91 -17.54 28.22
CA THR A 303 11.85 -16.56 29.29
C THR A 303 11.31 -17.13 30.59
N VAL A 304 10.29 -18.00 30.54
CA VAL A 304 9.75 -18.63 31.74
C VAL A 304 9.79 -20.15 31.70
N GLY A 305 10.22 -20.76 30.61
CA GLY A 305 10.38 -22.21 30.60
C GLY A 305 9.12 -23.01 30.34
N TYR A 306 7.97 -22.37 30.29
CA TYR A 306 6.73 -23.07 30.03
C TYR A 306 6.46 -23.07 28.53
N GLN A 307 6.09 -24.22 27.99
CA GLN A 307 5.52 -24.20 26.65
C GLN A 307 4.25 -23.35 26.66
N PRO A 308 4.02 -22.51 25.60
CA PRO A 308 2.84 -21.64 25.53
C PRO A 308 1.59 -22.22 26.17
N GLN A 309 1.25 -23.42 25.70
CA GLN A 309 0.02 -24.11 26.11
C GLN A 309 -0.16 -24.20 27.63
N GLU A 310 0.91 -24.46 28.38
CA GLU A 310 0.77 -24.52 29.81
C GLU A 310 0.32 -23.15 30.32
N LEU A 311 0.96 -22.11 29.79
CA LEU A 311 0.65 -20.72 30.15
C LEU A 311 -0.74 -20.21 29.73
N LEU A 312 -1.15 -20.56 28.52
CA LEU A 312 -2.43 -20.12 27.95
C LEU A 312 -3.65 -20.66 28.68
N GLY A 313 -4.70 -19.85 28.75
CA GLY A 313 -5.92 -20.28 29.40
C GLY A 313 -5.97 -19.97 30.88
N LYS A 314 -4.85 -20.12 31.58
CA LYS A 314 -4.65 -19.74 32.96
C LYS A 314 -4.53 -18.21 33.13
N ASN A 315 -4.83 -17.74 34.35
CA ASN A 315 -4.56 -16.36 34.69
C ASN A 315 -3.09 -16.18 35.06
N ILE A 316 -2.61 -14.94 35.02
CA ILE A 316 -1.21 -14.74 35.36
C ILE A 316 -1.04 -14.90 36.86
N VAL A 317 -1.93 -14.28 37.62
CA VAL A 317 -1.82 -14.35 39.07
C VAL A 317 -1.76 -15.81 39.58
N GLU A 318 -2.12 -16.78 38.73
CA GLU A 318 -1.85 -18.18 39.03
C GLU A 318 -0.35 -18.47 39.13
N PHE A 319 0.46 -17.72 38.39
CA PHE A 319 1.91 -17.87 38.35
C PHE A 319 2.62 -16.84 39.21
N CYS A 320 1.91 -15.81 39.67
CA CYS A 320 2.55 -14.83 40.54
C CYS A 320 2.84 -15.46 41.90
N HIS A 321 3.78 -14.85 42.62
CA HIS A 321 4.05 -15.16 44.01
C HIS A 321 2.99 -14.55 44.91
N PRO A 322 2.41 -15.33 45.84
CA PRO A 322 1.39 -14.84 46.77
C PRO A 322 1.55 -13.40 47.23
N GLU A 323 2.74 -13.10 47.73
CA GLU A 323 3.03 -11.79 48.30
C GLU A 323 2.83 -10.64 47.33
N ASP A 324 2.88 -10.94 46.05
CA ASP A 324 2.86 -9.92 45.01
C ASP A 324 1.53 -9.88 44.27
N GLN A 325 0.59 -10.76 44.62
CA GLN A 325 -0.53 -11.03 43.72
C GLN A 325 -1.52 -9.86 43.62
N GLN A 326 -1.90 -9.26 44.73
CA GLN A 326 -2.75 -8.07 44.61
C GLN A 326 -2.07 -7.02 43.75
N LEU A 327 -0.76 -6.85 43.95
CA LEU A 327 0.02 -5.87 43.20
C LEU A 327 -0.10 -6.09 41.70
N LEU A 328 0.12 -7.33 41.25
CA LEU A 328 -0.20 -7.71 39.88
C LEU A 328 -1.64 -7.35 39.56
N ARG A 329 -2.60 -7.86 40.34
CA ARG A 329 -3.98 -7.51 40.10
C ARG A 329 -4.17 -6.01 40.16
N ASP A 330 -3.38 -5.33 41.01
CA ASP A 330 -3.52 -3.89 41.13
C ASP A 330 -3.33 -3.26 39.77
N SER A 331 -2.20 -3.53 39.16
CA SER A 331 -1.94 -2.95 37.86
C SER A 331 -3.02 -3.36 36.87
N PHE A 332 -3.48 -4.60 36.96
CA PHE A 332 -4.60 -4.96 36.11
C PHE A 332 -5.81 -4.11 36.44
N GLN A 333 -6.10 -3.92 37.73
CA GLN A 333 -7.15 -2.99 38.14
C GLN A 333 -6.87 -1.57 37.67
N GLN A 334 -5.60 -1.27 37.35
CA GLN A 334 -5.13 0.05 37.03
C GLN A 334 -5.02 0.30 35.52
N VAL A 335 -4.34 -0.59 34.80
CA VAL A 335 -4.16 -0.37 33.37
C VAL A 335 -5.50 -0.14 32.68
N VAL A 336 -6.54 -0.79 33.17
CA VAL A 336 -7.83 -0.57 32.57
C VAL A 336 -8.35 0.82 32.95
N LYS A 337 -8.31 1.15 34.26
CA LYS A 337 -8.74 2.46 34.76
C LYS A 337 -8.06 3.58 33.98
N LEU A 338 -6.75 3.45 33.77
CA LEU A 338 -5.96 4.30 32.90
C LEU A 338 -5.97 3.82 31.46
N LYS A 339 -7.17 3.80 30.87
CA LYS A 339 -7.34 3.26 29.53
C LYS A 339 -6.41 3.96 28.55
N GLY A 340 -5.79 3.16 27.68
CA GLY A 340 -4.96 3.67 26.61
C GLY A 340 -3.50 3.31 26.75
N GLN A 341 -2.90 3.70 27.87
CA GLN A 341 -1.46 3.68 27.93
C GLN A 341 -0.95 3.00 29.19
N VAL A 342 0.37 2.86 29.24
CA VAL A 342 1.03 1.77 29.94
C VAL A 342 1.24 2.10 31.41
N LEU A 343 1.25 1.04 32.22
CA LEU A 343 1.84 0.98 33.55
C LEU A 343 2.91 -0.10 33.47
N SER A 344 3.80 -0.16 34.46
CA SER A 344 4.67 -1.33 34.55
C SER A 344 4.68 -1.76 36.00
N VAL A 345 4.73 -3.07 36.17
CA VAL A 345 4.60 -3.75 37.45
C VAL A 345 5.63 -4.88 37.45
N MET A 346 6.20 -5.16 38.62
CA MET A 346 7.16 -6.25 38.78
C MET A 346 6.74 -7.25 39.85
N PHE A 347 6.89 -8.54 39.52
CA PHE A 347 6.44 -9.63 40.37
C PHE A 347 7.30 -10.87 40.12
N ARG A 348 7.29 -11.77 41.11
CA ARG A 348 7.98 -13.05 40.99
C ARG A 348 7.10 -14.06 40.25
N PHE A 349 7.51 -14.41 39.04
CA PHE A 349 6.81 -15.36 38.18
C PHE A 349 7.33 -16.79 38.37
N ARG A 350 6.44 -17.77 38.19
CA ARG A 350 6.80 -19.15 38.48
C ARG A 350 7.52 -19.72 37.28
N SER A 351 8.74 -20.18 37.49
CA SER A 351 9.42 -20.95 36.47
C SER A 351 8.81 -22.34 36.38
N LYS A 352 9.17 -23.05 35.31
CA LYS A 352 8.73 -24.44 35.23
C LYS A 352 9.48 -25.30 36.24
N THR A 353 10.79 -25.06 36.39
CA THR A 353 11.49 -25.68 37.50
C THR A 353 11.17 -25.02 38.84
N ARG A 354 10.11 -24.21 38.87
CA ARG A 354 9.47 -23.75 40.08
C ARG A 354 10.23 -22.59 40.70
N GLU A 355 11.30 -22.11 40.08
CA GLU A 355 12.05 -21.00 40.65
C GLU A 355 11.29 -19.70 40.49
N TRP A 356 11.08 -19.00 41.60
CA TRP A 356 10.40 -17.72 41.52
C TRP A 356 11.39 -16.81 40.80
N LEU A 357 10.90 -16.07 39.81
CA LEU A 357 11.78 -15.20 39.05
C LEU A 357 11.27 -13.77 39.02
N TRP A 358 12.15 -12.81 39.33
CA TRP A 358 11.77 -11.42 39.28
C TRP A 358 11.47 -11.11 37.83
N MET A 359 10.38 -10.39 37.59
CA MET A 359 10.01 -10.06 36.23
C MET A 359 9.35 -8.70 36.25
N ARG A 360 9.53 -7.97 35.16
CA ARG A 360 8.92 -6.67 34.94
C ARG A 360 8.00 -6.71 33.72
N THR A 361 6.76 -6.29 33.91
CA THR A 361 5.71 -6.39 32.89
C THR A 361 5.17 -5.02 32.52
N SER A 362 5.28 -4.69 31.25
CA SER A 362 4.84 -3.39 30.74
C SER A 362 3.47 -3.60 30.08
N SER A 363 2.42 -3.12 30.73
CA SER A 363 1.07 -3.46 30.30
C SER A 363 0.33 -2.23 29.81
N PHE A 364 -0.37 -2.39 28.69
CA PHE A 364 -1.28 -1.36 28.25
C PHE A 364 -2.51 -2.02 27.66
N THR A 365 -3.64 -1.37 27.86
CA THR A 365 -4.88 -1.78 27.20
C THR A 365 -4.83 -1.39 25.73
N PHE A 366 -5.35 -2.28 24.89
CA PHE A 366 -5.49 -2.07 23.46
C PHE A 366 -6.97 -2.02 23.12
N GLN A 367 -7.39 -0.98 22.40
CA GLN A 367 -8.79 -0.71 22.13
C GLN A 367 -9.12 -0.80 20.65
N ASN A 368 -10.37 -1.18 20.36
CA ASN A 368 -10.89 -1.20 19.00
C ASN A 368 -10.86 0.21 18.41
N PRO A 369 -10.30 0.40 17.22
CA PRO A 369 -10.25 1.75 16.64
C PRO A 369 -11.63 2.25 16.28
N TYR A 370 -12.62 1.37 16.21
CA TYR A 370 -13.99 1.75 15.91
C TYR A 370 -14.82 1.86 17.19
N SER A 371 -14.95 0.73 17.89
CA SER A 371 -15.80 0.65 19.06
C SER A 371 -15.21 1.32 20.30
N ASP A 372 -13.90 1.52 20.33
CA ASP A 372 -13.17 1.81 21.58
C ASP A 372 -13.39 0.73 22.64
N GLU A 373 -13.80 -0.45 22.18
CA GLU A 373 -13.93 -1.64 23.01
C GLU A 373 -12.54 -2.11 23.42
N ILE A 374 -12.38 -2.49 24.68
CA ILE A 374 -11.07 -2.93 25.18
C ILE A 374 -11.03 -4.43 24.94
N GLU A 375 -10.51 -4.82 23.78
CA GLU A 375 -10.61 -6.24 23.43
C GLU A 375 -9.60 -7.04 24.18
N TYR A 376 -8.48 -6.44 24.45
CA TYR A 376 -7.47 -7.11 25.20
C TYR A 376 -6.50 -6.07 25.67
N ILE A 377 -5.68 -6.46 26.61
CA ILE A 377 -4.60 -5.59 27.04
C ILE A 377 -3.35 -6.35 26.68
N ILE A 378 -2.38 -5.64 26.13
CA ILE A 378 -1.16 -6.24 25.62
C ILE A 378 -0.08 -6.10 26.68
N CYS A 379 0.71 -7.17 26.87
CA CYS A 379 1.77 -7.18 27.88
C CYS A 379 3.06 -7.72 27.30
N THR A 380 4.17 -7.06 27.64
CA THR A 380 5.48 -7.61 27.34
C THR A 380 6.15 -7.86 28.69
N ASN A 381 6.34 -9.15 29.02
CA ASN A 381 6.83 -9.54 30.33
C ASN A 381 8.31 -9.81 30.22
N THR A 382 9.09 -9.13 31.05
CA THR A 382 10.52 -8.97 30.84
C THR A 382 11.29 -9.42 32.09
N ASN A 383 12.17 -10.40 31.91
CA ASN A 383 12.98 -10.91 32.99
C ASN A 383 13.82 -9.83 33.65
N GLU B 29 -0.62 34.75 -33.83
CA GLU B 29 -0.61 34.19 -32.48
C GLU B 29 -1.35 32.85 -32.43
N THR B 30 -2.21 32.61 -33.39
CA THR B 30 -2.78 31.28 -33.44
C THR B 30 -1.84 30.31 -34.15
N GLU B 31 -1.13 30.78 -35.16
CA GLU B 31 -0.22 29.91 -35.91
C GLU B 31 0.94 29.39 -35.06
N VAL B 32 1.54 30.26 -34.27
CA VAL B 32 2.65 29.88 -33.41
C VAL B 32 2.19 28.90 -32.33
N PHE B 33 1.02 29.18 -31.78
CA PHE B 33 0.42 28.36 -30.72
C PHE B 33 0.06 26.94 -31.15
N TYR B 34 -0.46 26.79 -32.36
CA TYR B 34 -0.90 25.46 -32.82
C TYR B 34 0.20 24.58 -33.40
N GLU B 35 1.39 25.12 -33.67
CA GLU B 35 2.48 24.16 -33.81
C GLU B 35 3.35 24.11 -32.57
N LEU B 36 3.20 25.03 -31.61
CA LEU B 36 3.62 24.70 -30.26
C LEU B 36 2.80 23.55 -29.71
N ALA B 37 1.47 23.67 -29.85
CA ALA B 37 0.54 22.62 -29.43
C ALA B 37 0.88 21.28 -30.06
N HIS B 38 1.21 21.28 -31.35
CA HIS B 38 1.38 20.04 -32.08
C HIS B 38 2.85 19.63 -32.25
N GLU B 39 3.74 20.15 -31.40
CA GLU B 39 5.00 19.48 -31.07
C GLU B 39 5.19 19.33 -29.57
N LEU B 40 4.10 19.42 -28.80
CA LEU B 40 4.08 18.90 -27.44
C LEU B 40 4.33 17.40 -27.48
N PRO B 43 -1.06 13.62 -28.81
CA PRO B 43 -1.67 13.47 -30.13
C PRO B 43 -2.15 14.77 -30.72
N HIS B 44 -1.86 14.98 -32.00
CA HIS B 44 -2.37 16.15 -32.70
C HIS B 44 -3.88 16.23 -32.58
N SER B 45 -4.53 15.10 -32.30
CA SER B 45 -5.95 15.11 -31.96
C SER B 45 -6.22 15.95 -30.73
N VAL B 46 -5.59 15.60 -29.60
CA VAL B 46 -5.83 16.31 -28.36
C VAL B 46 -5.16 17.67 -28.37
N SER B 47 -4.00 17.79 -29.04
CA SER B 47 -3.36 19.11 -29.07
C SER B 47 -4.06 20.08 -30.02
N SER B 48 -4.95 19.59 -30.90
CA SER B 48 -5.72 20.49 -31.75
C SER B 48 -6.68 21.36 -30.96
N HIS B 49 -7.02 20.94 -29.75
CA HIS B 49 -8.11 21.51 -28.99
C HIS B 49 -7.66 22.33 -27.78
N LEU B 50 -6.35 22.46 -27.55
CA LEU B 50 -5.89 23.12 -26.34
C LEU B 50 -5.98 24.63 -26.45
N ASP B 51 -6.19 25.23 -25.29
CA ASP B 51 -6.37 26.67 -25.17
C ASP B 51 -4.99 27.34 -25.07
N LYS B 52 -4.98 28.66 -24.85
CA LYS B 52 -3.79 29.43 -24.52
C LYS B 52 -3.14 28.89 -23.25
N ALA B 53 -3.82 29.10 -22.12
CA ALA B 53 -3.23 28.83 -20.81
C ALA B 53 -2.74 27.40 -20.66
N SER B 54 -3.36 26.45 -21.36
CA SER B 54 -2.96 25.08 -21.11
C SER B 54 -1.79 24.61 -21.96
N ILE B 55 -1.69 24.99 -23.23
CA ILE B 55 -0.42 24.68 -23.91
C ILE B 55 0.75 25.32 -23.17
N MET B 56 0.53 26.48 -22.57
CA MET B 56 1.53 27.09 -21.69
C MET B 56 1.90 26.14 -20.57
N ARG B 57 0.89 25.64 -19.84
CA ARG B 57 1.13 24.77 -18.69
C ARG B 57 1.81 23.46 -19.10
N LEU B 58 1.39 22.90 -20.23
CA LEU B 58 1.93 21.62 -20.64
C LEU B 58 3.37 21.76 -21.13
N ALA B 59 3.64 22.81 -21.92
CA ALA B 59 5.01 23.18 -22.27
C ALA B 59 5.85 23.40 -21.01
N ILE B 60 5.40 24.28 -20.13
CA ILE B 60 6.14 24.53 -18.90
C ILE B 60 6.35 23.27 -18.09
N SER B 61 5.34 22.43 -18.00
CA SER B 61 5.61 21.31 -17.11
C SER B 61 6.40 20.21 -17.80
N PHE B 62 6.25 20.02 -19.12
CA PHE B 62 7.06 19.03 -19.81
C PHE B 62 8.55 19.27 -19.57
N LEU B 63 9.03 20.48 -19.84
CA LEU B 63 10.45 20.70 -19.59
C LEU B 63 10.80 20.74 -18.10
N ARG B 64 9.88 21.12 -17.21
CA ARG B 64 10.17 21.03 -15.78
C ARG B 64 10.37 19.59 -15.36
N THR B 65 9.47 18.71 -15.81
CA THR B 65 9.64 17.29 -15.56
C THR B 65 11.01 16.85 -16.04
N HIS B 66 11.35 17.21 -17.28
CA HIS B 66 12.62 16.79 -17.86
C HIS B 66 13.79 17.25 -17.00
N LYS B 67 13.59 18.33 -16.24
CA LYS B 67 14.61 18.76 -15.30
C LYS B 67 14.80 17.74 -14.20
N LEU B 68 13.71 17.12 -13.76
CA LEU B 68 13.86 16.16 -12.69
C LEU B 68 14.41 14.83 -13.21
N LEU B 69 14.00 14.42 -14.41
CA LEU B 69 14.46 13.13 -14.95
C LEU B 69 15.96 13.15 -15.18
N SER B 70 16.48 14.26 -15.68
CA SER B 70 17.93 14.37 -15.84
C SER B 70 18.62 14.04 -14.53
N SER B 71 18.00 14.45 -13.42
CA SER B 71 18.46 14.13 -12.07
C SER B 71 18.05 12.75 -11.56
N VAL B 72 17.13 12.05 -12.20
CA VAL B 72 16.95 10.69 -11.69
C VAL B 72 17.99 9.75 -12.29
N CYS B 73 18.45 10.04 -13.50
CA CYS B 73 19.18 9.05 -14.29
C CYS B 73 20.69 9.07 -14.04
N ASP B 87 6.41 1.88 -24.41
CA ASP B 87 5.81 2.50 -23.23
C ASP B 87 4.35 2.10 -23.13
N ASN B 88 3.77 1.75 -24.28
CA ASN B 88 2.37 1.34 -24.30
C ASN B 88 2.13 0.20 -23.32
N LEU B 89 3.14 -0.65 -23.13
CA LEU B 89 3.09 -1.80 -22.24
C LEU B 89 3.45 -1.41 -20.81
N TYR B 90 4.50 -0.61 -20.60
CA TYR B 90 4.74 -0.01 -19.28
C TYR B 90 3.47 0.63 -18.75
N LEU B 91 2.90 1.53 -19.55
CA LEU B 91 1.72 2.27 -19.11
C LEU B 91 0.48 1.42 -18.86
N LYS B 92 0.19 0.50 -19.76
CA LYS B 92 -0.96 -0.39 -19.62
C LYS B 92 -0.82 -1.34 -18.44
N ALA B 93 0.39 -1.83 -18.23
CA ALA B 93 0.70 -2.81 -17.20
C ALA B 93 0.76 -2.20 -15.82
N LEU B 94 0.10 -1.07 -15.60
CA LEU B 94 0.03 -0.47 -14.27
C LEU B 94 -1.42 -0.44 -13.82
N GLU B 95 -1.70 -0.99 -12.66
CA GLU B 95 -3.01 -0.67 -12.13
C GLU B 95 -2.99 0.70 -11.49
N GLY B 96 -2.35 1.68 -12.14
CA GLY B 96 -2.28 3.00 -11.56
C GLY B 96 -1.47 3.94 -12.43
N PHE B 97 -1.46 5.21 -12.03
CA PHE B 97 -0.75 6.26 -12.75
C PHE B 97 0.31 6.85 -11.83
N ILE B 98 1.26 7.50 -12.45
CA ILE B 98 2.40 8.09 -11.77
C ILE B 98 2.20 9.60 -11.76
N ALA B 99 2.56 10.21 -10.64
CA ALA B 99 2.46 11.65 -10.56
C ALA B 99 3.74 12.17 -9.93
N VAL B 100 4.19 13.35 -10.40
CA VAL B 100 5.20 14.15 -9.72
C VAL B 100 4.53 15.41 -9.23
N VAL B 101 4.73 15.68 -7.95
CA VAL B 101 4.06 16.78 -7.29
C VAL B 101 5.10 17.50 -6.44
N THR B 102 5.12 18.84 -6.53
CA THR B 102 6.13 19.66 -5.85
C THR B 102 5.81 19.81 -4.37
N GLN B 103 6.83 20.18 -3.60
CA GLN B 103 6.67 20.39 -2.18
C GLN B 103 5.63 21.45 -1.86
N ASP B 104 5.30 22.33 -2.81
CA ASP B 104 4.26 23.34 -2.59
C ASP B 104 2.99 23.02 -3.34
N GLY B 105 2.95 21.87 -3.99
CA GLY B 105 1.70 21.21 -4.27
C GLY B 105 1.35 21.11 -5.72
N ASP B 106 2.13 21.69 -6.61
CA ASP B 106 1.74 21.68 -8.02
C ASP B 106 1.93 20.29 -8.62
N MET B 107 1.06 19.96 -9.55
CA MET B 107 1.13 18.67 -10.24
C MET B 107 1.85 18.98 -11.55
N ILE B 108 3.17 18.75 -11.55
CA ILE B 108 3.94 19.06 -12.75
C ILE B 108 4.05 17.86 -13.66
N PHE B 109 3.51 16.71 -13.27
CA PHE B 109 3.26 15.67 -14.26
C PHE B 109 2.37 14.57 -13.68
N LEU B 110 1.50 14.03 -14.52
CA LEU B 110 0.60 12.95 -14.15
C LEU B 110 0.66 11.87 -15.22
N SER B 111 0.32 10.64 -14.84
CA SER B 111 0.35 9.53 -15.77
C SER B 111 -0.66 9.76 -16.89
N GLU B 112 -0.30 9.37 -18.11
CA GLU B 112 -1.18 9.55 -19.25
C GLU B 112 -2.46 8.75 -19.03
N ASN B 113 -2.31 7.55 -18.49
CA ASN B 113 -3.46 6.69 -18.21
C ASN B 113 -4.33 7.19 -17.06
N ILE B 114 -3.91 8.29 -16.41
CA ILE B 114 -4.71 8.94 -15.37
C ILE B 114 -6.20 8.84 -15.66
N SER B 115 -6.60 9.21 -16.89
CA SER B 115 -8.02 9.32 -17.22
C SER B 115 -8.70 7.98 -17.15
N LYS B 116 -7.95 6.89 -17.36
CA LYS B 116 -8.55 5.58 -17.25
C LYS B 116 -8.91 5.32 -15.80
N PHE B 117 -8.14 5.87 -14.88
CA PHE B 117 -8.54 5.57 -13.51
C PHE B 117 -9.46 6.64 -12.93
N MET B 118 -9.15 7.91 -13.15
CA MET B 118 -9.87 8.97 -12.48
C MET B 118 -10.76 9.78 -13.40
N GLY B 119 -10.70 9.52 -14.71
CA GLY B 119 -11.51 10.17 -15.73
C GLY B 119 -10.90 11.43 -16.30
N LEU B 120 -10.60 12.39 -15.42
CA LEU B 120 -9.83 13.59 -15.76
C LEU B 120 -8.58 13.21 -16.55
N THR B 121 -8.39 13.77 -17.75
CA THR B 121 -7.26 13.27 -18.52
C THR B 121 -5.98 13.99 -18.11
N GLN B 122 -4.87 13.61 -18.75
CA GLN B 122 -3.59 14.24 -18.43
C GLN B 122 -3.65 15.75 -18.60
N VAL B 123 -4.46 16.25 -19.52
CA VAL B 123 -4.28 17.64 -19.93
C VAL B 123 -5.08 18.64 -19.10
N GLU B 124 -6.17 18.17 -18.52
CA GLU B 124 -7.04 18.99 -17.67
C GLU B 124 -6.43 19.42 -16.32
N LEU B 125 -5.71 18.50 -15.67
CA LEU B 125 -5.12 18.76 -14.35
C LEU B 125 -3.60 19.00 -14.22
N THR B 126 -2.85 18.95 -15.32
CA THR B 126 -1.40 19.17 -15.21
C THR B 126 -1.11 20.60 -14.77
N GLY B 127 -0.12 20.80 -13.91
CA GLY B 127 0.17 22.13 -13.49
C GLY B 127 -0.82 22.75 -12.51
N HIS B 128 -2.05 22.25 -12.45
CA HIS B 128 -2.87 22.76 -11.35
C HIS B 128 -2.57 22.00 -10.06
N SER B 129 -3.05 22.56 -8.96
CA SER B 129 -2.66 22.12 -7.64
C SER B 129 -3.25 20.73 -7.38
N ILE B 130 -2.51 19.91 -6.63
CA ILE B 130 -3.13 18.67 -6.17
C ILE B 130 -4.19 18.99 -5.14
N PHE B 131 -3.98 20.05 -4.34
CA PHE B 131 -4.92 20.45 -3.30
C PHE B 131 -6.27 20.80 -3.90
N ASP B 132 -6.30 21.21 -5.17
CA ASP B 132 -7.56 21.47 -5.84
C ASP B 132 -8.23 20.20 -6.38
N PHE B 133 -7.82 18.98 -5.97
CA PHE B 133 -8.46 17.77 -6.50
C PHE B 133 -8.52 16.60 -5.52
N THR B 134 -8.29 16.85 -4.23
CA THR B 134 -8.23 15.78 -3.25
C THR B 134 -9.01 16.25 -2.03
N HIS B 135 -9.20 15.35 -1.10
CA HIS B 135 -10.01 15.65 0.04
C HIS B 135 -9.32 16.61 1.00
N PRO B 136 -9.92 17.77 1.27
CA PRO B 136 -9.43 18.63 2.36
C PRO B 136 -9.07 17.91 3.65
N CYS B 137 -9.81 16.87 4.06
CA CYS B 137 -9.44 16.18 5.30
C CYS B 137 -8.14 15.41 5.13
N ASP B 138 -7.77 15.14 3.89
CA ASP B 138 -6.50 14.50 3.59
C ASP B 138 -5.40 15.50 3.31
N HIS B 139 -5.78 16.76 3.06
CA HIS B 139 -4.83 17.71 2.53
C HIS B 139 -3.61 17.81 3.45
N GLU B 140 -3.84 18.14 4.73
CA GLU B 140 -2.71 18.36 5.62
C GLU B 140 -1.76 17.18 5.60
N GLU B 141 -2.31 15.95 5.59
CA GLU B 141 -1.46 14.75 5.48
C GLU B 141 -0.70 14.74 4.16
N ILE B 142 -1.38 15.13 3.06
CA ILE B 142 -0.67 15.27 1.79
C ILE B 142 0.45 16.29 1.93
N ARG B 143 0.14 17.44 2.56
CA ARG B 143 1.14 18.47 2.75
C ARG B 143 2.39 17.89 3.38
N GLU B 144 2.24 17.18 4.50
CA GLU B 144 3.44 16.68 5.14
C GLU B 144 4.01 15.43 4.48
N ASN B 145 3.38 14.90 3.45
CA ASN B 145 4.07 13.89 2.66
C ASN B 145 4.93 14.56 1.61
N LEU B 146 4.50 15.75 1.14
CA LEU B 146 5.32 16.48 0.20
C LEU B 146 6.59 17.02 0.86
N THR B 147 6.59 17.07 2.18
CA THR B 147 7.59 17.79 2.94
C THR B 147 8.71 16.83 3.34
N LEU B 148 9.95 17.23 3.06
CA LEU B 148 11.13 16.58 3.65
C LEU B 148 11.38 15.18 3.09
N SER B 162 13.86 10.72 5.89
CA SER B 162 13.55 9.46 5.22
C SER B 162 12.72 9.67 3.94
N THR B 163 13.23 9.10 2.86
CA THR B 163 12.77 9.46 1.53
C THR B 163 11.41 8.86 1.20
N GLU B 164 11.20 7.64 1.64
CA GLU B 164 10.13 6.82 1.10
C GLU B 164 8.79 7.23 1.71
N ARG B 165 7.76 7.28 0.87
CA ARG B 165 6.43 7.64 1.36
C ARG B 165 5.43 6.57 0.93
N ASP B 166 4.39 6.38 1.74
CA ASP B 166 3.36 5.38 1.41
C ASP B 166 2.07 5.77 2.13
N PHE B 167 1.00 6.05 1.38
CA PHE B 167 -0.23 6.55 2.01
C PHE B 167 -1.41 6.45 1.05
N PHE B 168 -2.57 6.98 1.50
CA PHE B 168 -3.80 6.91 0.74
C PHE B 168 -4.43 8.29 0.72
N MET B 169 -4.87 8.71 -0.47
CA MET B 169 -5.50 10.01 -0.61
C MET B 169 -6.71 9.85 -1.51
N ARG B 170 -7.78 10.59 -1.19
CA ARG B 170 -8.99 10.58 -2.02
C ARG B 170 -8.88 11.71 -3.02
N MET B 171 -9.04 11.39 -4.28
CA MET B 171 -9.02 12.38 -5.32
C MET B 171 -10.45 12.60 -5.81
N LYS B 172 -10.59 13.06 -7.03
CA LYS B 172 -11.91 13.23 -7.63
C LYS B 172 -11.97 12.29 -8.81
N CYS B 173 -13.07 11.58 -8.91
CA CYS B 173 -13.31 10.65 -9.99
C CYS B 173 -14.50 11.09 -10.82
N THR B 174 -14.32 11.05 -12.14
CA THR B 174 -15.34 11.41 -13.11
C THR B 174 -15.42 10.36 -14.20
N VAL B 175 -15.08 9.13 -13.87
CA VAL B 175 -15.31 7.98 -14.74
C VAL B 175 -16.11 6.98 -13.92
N THR B 176 -17.27 6.57 -14.44
CA THR B 176 -18.15 5.64 -13.75
C THR B 176 -17.63 4.20 -13.84
N ASN B 177 -17.96 3.41 -12.83
CA ASN B 177 -17.47 2.02 -12.73
C ASN B 177 -17.93 1.18 -13.92
N ARG B 180 -18.07 4.53 -18.74
CA ARG B 180 -18.34 5.86 -19.32
C ARG B 180 -18.13 6.97 -18.30
N THR B 181 -18.57 8.16 -18.67
CA THR B 181 -18.04 9.39 -18.08
C THR B 181 -19.12 10.36 -17.60
N VAL B 182 -18.90 10.93 -16.42
CA VAL B 182 -19.66 12.10 -15.97
C VAL B 182 -18.67 13.22 -15.66
N ASN B 183 -19.20 14.38 -15.26
CA ASN B 183 -18.38 15.59 -15.22
C ASN B 183 -18.37 16.26 -13.84
N LEU B 184 -17.46 17.25 -13.72
CA LEU B 184 -16.90 17.67 -12.43
C LEU B 184 -17.93 17.88 -11.34
N LYS B 185 -19.08 18.49 -11.66
CA LYS B 185 -20.06 18.73 -10.62
C LYS B 185 -20.54 17.45 -9.97
N SER B 186 -20.36 16.31 -10.64
CA SER B 186 -20.80 15.01 -10.16
C SER B 186 -19.62 14.05 -10.03
N ALA B 187 -18.51 14.54 -9.53
CA ALA B 187 -17.40 13.64 -9.28
C ALA B 187 -17.64 12.88 -7.99
N THR B 188 -17.00 11.74 -7.89
CA THR B 188 -16.98 11.06 -6.62
C THR B 188 -15.55 10.92 -6.13
N TRP B 189 -15.39 10.93 -4.81
CA TRP B 189 -14.04 10.85 -4.25
C TRP B 189 -13.55 9.41 -4.37
N LYS B 190 -12.29 9.24 -4.83
CA LYS B 190 -11.67 7.93 -5.06
C LYS B 190 -10.38 7.83 -4.27
N VAL B 191 -10.32 6.91 -3.34
CA VAL B 191 -9.12 6.64 -2.56
C VAL B 191 -8.06 6.08 -3.47
N LEU B 192 -6.85 6.59 -3.32
CA LEU B 192 -5.73 6.10 -4.11
C LEU B 192 -4.65 5.68 -3.15
N HIS B 193 -4.12 4.47 -3.34
CA HIS B 193 -2.94 4.04 -2.58
C HIS B 193 -1.68 4.59 -3.27
N CYS B 194 -0.93 5.47 -2.60
CA CYS B 194 0.25 6.08 -3.23
C CYS B 194 1.55 5.72 -2.53
N THR B 195 2.51 5.15 -3.29
CA THR B 195 3.85 4.83 -2.78
C THR B 195 4.90 5.45 -3.69
N GLY B 196 5.86 6.16 -3.10
CA GLY B 196 6.94 6.76 -3.87
C GLY B 196 8.06 7.31 -3.02
N GLN B 197 8.86 8.20 -3.64
CA GLN B 197 9.98 8.91 -3.03
C GLN B 197 9.70 10.39 -3.01
N VAL B 198 10.22 11.08 -1.99
CA VAL B 198 10.35 12.53 -1.97
C VAL B 198 11.83 12.89 -2.14
N ARG B 199 12.13 13.83 -3.04
CA ARG B 199 13.46 13.95 -3.64
C ARG B 199 13.86 15.40 -3.91
N VAL B 200 15.18 15.70 -3.78
CA VAL B 200 15.74 17.03 -4.16
C VAL B 200 16.53 17.08 -5.46
N LEU B 218 14.08 23.47 -3.72
CA LEU B 218 13.02 22.78 -4.43
C LEU B 218 13.03 21.28 -4.16
N SER B 219 11.88 20.78 -3.67
CA SER B 219 11.67 19.39 -3.32
C SER B 219 10.66 18.77 -4.28
N CYS B 220 10.38 17.49 -4.10
CA CYS B 220 9.57 16.83 -5.10
C CYS B 220 9.06 15.50 -4.57
N LEU B 221 7.88 15.11 -5.06
CA LEU B 221 7.22 13.87 -4.71
C LEU B 221 7.03 13.06 -5.98
N ILE B 222 7.37 11.78 -5.92
CA ILE B 222 7.26 10.89 -7.08
C ILE B 222 6.48 9.69 -6.58
N ILE B 223 5.16 9.70 -6.73
CA ILE B 223 4.37 8.56 -6.31
C ILE B 223 3.62 7.91 -7.46
N MET B 224 3.59 6.58 -7.42
CA MET B 224 2.60 5.81 -8.15
C MET B 224 1.36 5.69 -7.31
N CYS B 225 0.21 5.77 -7.97
CA CYS B 225 -1.09 5.80 -7.33
C CYS B 225 -1.95 4.68 -7.91
N GLU B 226 -2.24 3.69 -7.07
CA GLU B 226 -3.04 2.54 -7.45
C GLU B 226 -4.44 2.66 -6.84
N PRO B 227 -5.49 2.67 -7.62
CA PRO B 227 -6.82 2.51 -7.03
C PRO B 227 -6.98 1.06 -6.59
N ILE B 228 -7.69 0.89 -5.48
CA ILE B 228 -8.05 -0.41 -4.92
C ILE B 228 -9.31 -0.89 -5.62
N GLN B 229 -9.24 -2.04 -6.26
CA GLN B 229 -10.40 -2.55 -6.95
C GLN B 229 -11.56 -2.79 -5.97
N HIS B 230 -12.76 -2.31 -6.38
CA HIS B 230 -13.97 -2.42 -5.58
C HIS B 230 -14.53 -3.83 -5.73
N PRO B 231 -14.87 -4.49 -4.63
CA PRO B 231 -15.05 -5.93 -4.69
C PRO B 231 -16.43 -6.32 -5.20
N SER B 232 -17.36 -5.38 -5.29
CA SER B 232 -18.61 -5.64 -5.97
C SER B 232 -18.49 -5.55 -7.48
N HIS B 233 -17.41 -4.96 -8.00
CA HIS B 233 -17.24 -4.75 -9.44
C HIS B 233 -15.76 -4.95 -9.73
N MET B 234 -15.37 -6.18 -10.03
CA MET B 234 -13.97 -6.49 -10.32
C MET B 234 -13.78 -6.88 -11.77
N ASP B 235 -12.60 -6.52 -12.31
CA ASP B 235 -12.21 -6.85 -13.69
C ASP B 235 -11.16 -7.93 -13.81
N ILE B 236 -10.33 -8.11 -12.79
CA ILE B 236 -9.15 -8.97 -12.87
C ILE B 236 -9.49 -10.29 -12.20
N PRO B 237 -9.10 -11.43 -12.75
CA PRO B 237 -9.37 -12.69 -12.04
C PRO B 237 -8.68 -12.78 -10.68
N LEU B 238 -9.09 -13.77 -9.87
CA LEU B 238 -8.55 -14.07 -8.54
C LEU B 238 -8.14 -15.53 -8.45
N ASP B 239 -6.94 -15.77 -7.94
CA ASP B 239 -6.42 -17.14 -7.92
C ASP B 239 -6.91 -17.87 -6.68
N SER B 240 -6.36 -19.07 -6.47
CA SER B 240 -6.69 -19.90 -5.31
C SER B 240 -6.53 -19.11 -4.02
N LYS B 241 -5.38 -18.48 -3.85
CA LYS B 241 -4.85 -18.13 -2.54
C LYS B 241 -5.45 -16.84 -1.98
N THR B 242 -6.67 -16.55 -2.38
CA THR B 242 -7.40 -15.38 -1.91
C THR B 242 -8.77 -15.80 -1.42
N PHE B 243 -9.26 -15.15 -0.35
CA PHE B 243 -10.54 -15.49 0.26
C PHE B 243 -11.26 -14.24 0.79
N LEU B 244 -12.55 -14.13 0.45
CA LEU B 244 -13.38 -12.99 0.80
C LEU B 244 -13.89 -13.04 2.22
N SER B 245 -14.39 -11.90 2.68
CA SER B 245 -14.66 -11.76 4.09
C SER B 245 -15.52 -10.53 4.32
N ARG B 246 -16.48 -10.63 5.25
CA ARG B 246 -17.30 -9.48 5.61
C ARG B 246 -17.21 -9.26 7.12
N HIS B 247 -17.24 -7.98 7.49
CA HIS B 247 -17.10 -7.58 8.88
C HIS B 247 -18.04 -6.45 9.18
N SER B 248 -18.41 -6.42 10.45
CA SER B 248 -18.91 -5.22 11.01
C SER B 248 -17.87 -4.13 10.89
N MET B 249 -18.35 -2.94 11.22
CA MET B 249 -17.49 -1.81 11.13
C MET B 249 -16.42 -1.84 12.19
N ASP B 250 -16.62 -2.60 13.26
CA ASP B 250 -15.56 -2.79 14.22
C ASP B 250 -14.76 -4.01 13.89
N MET B 251 -15.07 -4.68 12.76
CA MET B 251 -14.24 -5.72 12.14
C MET B 251 -14.51 -7.11 12.67
N LYS B 252 -15.59 -7.29 13.44
CA LYS B 252 -16.02 -8.62 13.80
C LYS B 252 -16.39 -9.41 12.55
N PHE B 253 -15.96 -10.65 12.49
CA PHE B 253 -16.35 -11.48 11.37
C PHE B 253 -17.84 -11.66 11.33
N THR B 254 -18.47 -11.11 10.32
CA THR B 254 -19.87 -11.38 10.15
C THR B 254 -20.13 -12.03 8.80
N TYR B 255 -19.08 -12.48 8.10
CA TYR B 255 -19.17 -13.56 7.11
C TYR B 255 -17.80 -13.91 6.56
N CYS B 256 -17.59 -15.20 6.30
CA CYS B 256 -16.33 -15.62 5.74
C CYS B 256 -16.48 -16.65 4.64
N ASP B 257 -15.45 -16.67 3.81
CA ASP B 257 -15.40 -17.60 2.71
C ASP B 257 -15.30 -19.02 3.27
N ASP B 258 -15.79 -19.98 2.49
CA ASP B 258 -15.77 -21.36 2.94
C ASP B 258 -14.37 -21.96 2.80
N ARG B 259 -13.61 -21.52 1.81
CA ARG B 259 -12.33 -22.15 1.56
C ARG B 259 -11.34 -21.91 2.69
N ILE B 260 -11.39 -20.74 3.34
CA ILE B 260 -10.44 -20.34 4.37
C ILE B 260 -10.04 -21.54 5.24
N LEU B 261 -10.98 -22.46 5.46
CA LEU B 261 -10.64 -23.68 6.18
C LEU B 261 -9.48 -24.40 5.51
N GLU B 262 -9.62 -24.66 4.22
CA GLU B 262 -8.51 -25.25 3.50
C GLU B 262 -7.32 -24.29 3.48
N LEU B 263 -7.59 -22.97 3.42
CA LEU B 263 -6.50 -22.00 3.48
C LEU B 263 -5.90 -21.94 4.87
N ILE B 264 -6.68 -21.49 5.85
CA ILE B 264 -6.14 -21.20 7.18
C ILE B 264 -6.65 -22.22 8.21
N GLY B 265 -7.70 -22.96 7.89
CA GLY B 265 -8.19 -24.00 8.77
C GLY B 265 -9.28 -23.65 9.75
N TYR B 266 -10.14 -22.68 9.44
CA TYR B 266 -11.29 -22.39 10.27
C TYR B 266 -12.56 -22.49 9.41
N HIS B 267 -13.62 -23.09 9.96
CA HIS B 267 -14.93 -22.93 9.34
C HIS B 267 -15.41 -21.50 9.59
N PRO B 268 -16.27 -20.97 8.74
CA PRO B 268 -16.87 -19.68 9.07
C PRO B 268 -17.52 -19.68 10.45
N GLU B 269 -18.14 -20.80 10.84
CA GLU B 269 -18.90 -20.92 12.09
C GLU B 269 -18.18 -20.31 13.30
N GLU B 270 -16.93 -20.74 13.54
CA GLU B 270 -16.22 -20.20 14.70
C GLU B 270 -15.94 -18.72 14.52
N LEU B 271 -15.57 -18.31 13.31
CA LEU B 271 -15.14 -16.93 13.08
C LEU B 271 -16.29 -15.97 13.24
N LEU B 272 -17.50 -16.44 12.94
CA LEU B 272 -18.67 -15.57 12.93
C LEU B 272 -18.87 -14.98 14.31
N GLY B 273 -19.22 -13.70 14.32
CA GLY B 273 -19.31 -12.98 15.58
C GLY B 273 -18.02 -12.82 16.32
N ARG B 274 -16.87 -12.99 15.67
CA ARG B 274 -15.61 -12.88 16.38
C ARG B 274 -14.79 -11.69 15.88
N SER B 275 -14.15 -11.00 16.82
CA SER B 275 -13.30 -9.88 16.47
C SER B 275 -12.14 -10.34 15.62
N ALA B 276 -11.94 -9.67 14.49
CA ALA B 276 -10.77 -9.99 13.68
C ALA B 276 -9.47 -9.87 14.46
N TYR B 277 -9.46 -9.05 15.53
CA TYR B 277 -8.24 -8.64 16.22
C TYR B 277 -7.70 -9.72 17.16
N GLU B 278 -8.47 -10.75 17.47
CA GLU B 278 -8.00 -11.87 18.27
C GLU B 278 -7.45 -12.99 17.41
N PHE B 279 -7.16 -12.68 16.15
CA PHE B 279 -6.54 -13.64 15.24
C PHE B 279 -5.24 -13.11 14.64
N TYR B 280 -4.92 -11.83 14.83
CA TYR B 280 -3.61 -11.29 14.42
C TYR B 280 -2.55 -11.60 15.46
N HIS B 281 -1.34 -11.80 14.98
CA HIS B 281 -0.24 -11.95 15.91
C HIS B 281 0.03 -10.59 16.57
N ALA B 282 0.34 -10.62 17.86
CA ALA B 282 0.40 -9.42 18.70
C ALA B 282 1.29 -8.30 18.22
N LEU B 283 2.42 -8.64 17.62
CA LEU B 283 3.30 -7.63 17.12
C LEU B 283 2.62 -6.85 16.00
N ASP B 284 1.56 -7.41 15.41
CA ASP B 284 0.96 -6.75 14.26
C ASP B 284 -0.23 -5.88 14.62
N SER B 285 -0.78 -6.00 15.83
CA SER B 285 -2.07 -5.37 16.09
C SER B 285 -1.98 -3.86 15.92
N GLU B 286 -0.88 -3.25 16.38
CA GLU B 286 -0.74 -1.80 16.27
C GLU B 286 -0.78 -1.35 14.81
N ASN B 287 -0.19 -2.12 13.90
CA ASN B 287 -0.18 -1.67 12.50
C ASN B 287 -1.55 -1.85 11.85
N MET B 288 -2.38 -2.77 12.37
CA MET B 288 -3.73 -2.92 11.82
C MET B 288 -4.58 -1.70 12.15
N THR B 289 -4.49 -1.21 13.39
CA THR B 289 -5.29 -0.06 13.80
C THR B 289 -5.24 1.05 12.75
N LYS B 290 -4.05 1.35 12.24
CA LYS B 290 -3.89 2.38 11.23
C LYS B 290 -4.61 1.99 9.94
N SER B 291 -4.34 0.76 9.46
CA SER B 291 -5.12 0.25 8.33
C SER B 291 -6.62 0.37 8.60
N HIS B 292 -7.08 0.03 9.81
CA HIS B 292 -8.53 0.05 10.08
C HIS B 292 -9.07 1.49 10.01
N GLN B 293 -8.35 2.44 10.61
CA GLN B 293 -8.80 3.83 10.64
C GLN B 293 -8.70 4.51 9.27
N ASN B 294 -7.67 4.17 8.49
CA ASN B 294 -7.69 4.54 7.08
C ASN B 294 -8.93 4.02 6.38
N LEU B 295 -9.20 2.71 6.51
CA LEU B 295 -10.40 2.07 5.98
C LEU B 295 -11.67 2.87 6.29
N CYS B 296 -11.85 3.21 7.57
CA CYS B 296 -13.04 3.94 7.99
C CYS B 296 -13.02 5.38 7.49
N THR B 297 -11.98 6.13 7.82
CA THR B 297 -11.97 7.54 7.45
C THR B 297 -12.10 7.72 5.95
N LYS B 298 -11.48 6.82 5.19
CA LYS B 298 -11.52 6.89 3.73
C LYS B 298 -12.44 5.85 3.07
N GLY B 299 -12.71 4.76 3.78
CA GLY B 299 -13.58 3.70 3.28
C GLY B 299 -12.92 2.68 2.36
N GLN B 300 -11.62 2.84 2.13
CA GLN B 300 -10.86 1.94 1.28
C GLN B 300 -9.47 1.77 1.90
N VAL B 301 -8.77 0.68 1.64
CA VAL B 301 -7.46 0.56 2.29
C VAL B 301 -6.75 -0.69 1.80
N VAL B 302 -5.43 -0.70 1.81
CA VAL B 302 -4.71 -1.95 1.73
C VAL B 302 -3.87 -2.07 3.00
N SER B 303 -3.85 -3.26 3.57
CA SER B 303 -3.05 -3.47 4.77
C SER B 303 -1.61 -3.68 4.36
N GLY B 304 -0.78 -3.79 5.35
CA GLY B 304 0.51 -4.33 5.09
C GLY B 304 0.43 -5.83 5.04
N GLN B 305 1.60 -6.45 5.09
CA GLN B 305 1.66 -7.87 5.40
C GLN B 305 1.38 -7.99 6.89
N TYR B 306 0.67 -9.04 7.24
CA TYR B 306 0.44 -9.36 8.64
C TYR B 306 0.14 -10.83 8.69
N ARG B 307 0.17 -11.36 9.91
CA ARG B 307 -0.10 -12.78 10.04
C ARG B 307 -1.23 -13.15 10.98
N MET B 308 -2.27 -13.67 10.38
CA MET B 308 -3.38 -14.26 11.10
C MET B 308 -2.98 -15.61 11.65
N LEU B 309 -3.42 -15.90 12.89
CA LEU B 309 -3.08 -17.16 13.53
C LEU B 309 -3.94 -18.28 12.94
N ALA B 310 -3.36 -19.47 12.85
CA ALA B 310 -3.94 -20.52 12.04
C ALA B 310 -4.58 -21.58 12.92
N LYS B 311 -5.09 -22.62 12.26
CA LYS B 311 -5.99 -23.58 12.87
C LYS B 311 -5.38 -24.27 14.09
N HIS B 312 -4.33 -25.03 13.89
CA HIS B 312 -3.79 -25.89 14.93
C HIS B 312 -2.37 -25.48 15.23
N GLY B 313 -2.19 -24.19 15.45
CA GLY B 313 -0.90 -23.58 15.64
C GLY B 313 -0.40 -22.92 14.35
N GLY B 314 0.67 -22.10 14.51
CA GLY B 314 1.29 -21.30 13.48
C GLY B 314 0.40 -20.15 13.05
N TYR B 315 0.90 -19.41 12.06
CA TYR B 315 0.15 -18.35 11.42
C TYR B 315 0.35 -18.42 9.91
N VAL B 316 -0.36 -17.54 9.19
CA VAL B 316 -0.17 -17.34 7.77
C VAL B 316 -0.15 -15.86 7.49
N TRP B 317 0.47 -15.48 6.38
CA TRP B 317 0.66 -14.09 6.04
C TRP B 317 -0.44 -13.65 5.09
N LEU B 318 -0.97 -12.45 5.33
CA LEU B 318 -2.08 -12.02 4.50
C LEU B 318 -1.80 -10.61 4.05
N GLU B 319 -2.28 -10.27 2.86
CA GLU B 319 -2.55 -8.88 2.54
C GLU B 319 -4.01 -8.83 2.10
N THR B 320 -4.74 -7.84 2.61
CA THR B 320 -6.15 -7.72 2.30
C THR B 320 -6.46 -6.32 1.82
N GLN B 321 -7.22 -6.23 0.73
CA GLN B 321 -7.90 -5.01 0.35
C GLN B 321 -9.22 -4.97 1.12
N GLY B 322 -9.39 -3.94 1.92
CA GLY B 322 -10.62 -3.75 2.65
C GLY B 322 -11.35 -2.46 2.21
N THR B 323 -12.57 -2.64 1.74
CA THR B 323 -13.39 -1.50 1.31
C THR B 323 -14.67 -1.48 2.15
N VAL B 324 -15.19 -0.28 2.43
CA VAL B 324 -16.44 -0.13 3.19
C VAL B 324 -17.62 -0.02 2.22
N ILE B 325 -18.58 -0.95 2.31
CA ILE B 325 -19.71 -0.95 1.39
C ILE B 325 -20.96 -0.40 2.06
N TYR B 326 -21.72 0.37 1.29
CA TYR B 326 -22.91 1.08 1.75
C TYR B 326 -24.16 0.48 1.14
N ASN B 327 -25.26 0.62 1.87
CA ASN B 327 -26.57 0.34 1.30
C ASN B 327 -26.91 1.45 0.31
N PRO B 328 -27.19 1.15 -0.96
CA PRO B 328 -27.43 2.24 -1.92
C PRO B 328 -28.77 2.89 -1.73
N ARG B 329 -29.58 2.40 -0.78
CA ARG B 329 -30.92 2.91 -0.56
C ARG B 329 -30.95 3.94 0.57
N ASN B 330 -30.40 3.61 1.74
CA ASN B 330 -30.42 4.51 2.89
C ASN B 330 -29.11 5.24 3.14
N LEU B 331 -28.17 5.27 2.19
CA LEU B 331 -26.89 5.99 2.36
C LEU B 331 -26.25 5.70 3.71
N GLN B 332 -26.14 4.42 4.04
CA GLN B 332 -25.54 4.11 5.30
C GLN B 332 -24.39 3.15 5.09
N PRO B 333 -23.34 3.25 5.90
CA PRO B 333 -22.36 2.17 5.98
C PRO B 333 -23.04 0.89 6.44
N GLN B 334 -22.86 -0.17 5.67
CA GLN B 334 -23.47 -1.42 6.03
C GLN B 334 -22.46 -2.40 6.60
N CYS B 335 -21.33 -2.60 5.93
CA CYS B 335 -20.31 -3.49 6.43
C CYS B 335 -19.01 -3.19 5.71
N ILE B 336 -17.98 -3.92 6.08
CA ILE B 336 -16.69 -3.89 5.42
C ILE B 336 -16.52 -5.21 4.70
N MET B 337 -16.36 -5.16 3.39
CA MET B 337 -15.90 -6.36 2.68
C MET B 337 -14.41 -6.32 2.38
N CYS B 338 -13.77 -7.48 2.48
CA CYS B 338 -12.32 -7.61 2.32
C CYS B 338 -11.96 -8.77 1.41
N VAL B 339 -11.12 -8.48 0.43
CA VAL B 339 -10.43 -9.52 -0.29
C VAL B 339 -9.12 -9.76 0.43
N ASN B 340 -8.79 -11.01 0.68
CA ASN B 340 -7.64 -11.34 1.52
C ASN B 340 -6.74 -12.23 0.70
N TYR B 341 -5.65 -11.65 0.20
CA TYR B 341 -4.63 -12.43 -0.49
C TYR B 341 -3.78 -13.15 0.56
N VAL B 342 -3.81 -14.49 0.53
CA VAL B 342 -2.87 -15.31 1.30
C VAL B 342 -1.53 -15.31 0.58
N LEU B 343 -0.46 -15.03 1.32
CA LEU B 343 0.88 -14.97 0.73
C LEU B 343 1.80 -16.09 1.16
N SER B 344 1.37 -16.95 2.07
CA SER B 344 2.27 -17.93 2.63
C SER B 344 1.44 -19.09 3.14
N GLU B 345 2.07 -20.25 3.19
CA GLU B 345 1.43 -21.37 3.84
C GLU B 345 1.67 -21.23 5.34
N ILE B 346 1.13 -22.16 6.13
CA ILE B 346 1.27 -22.02 7.56
C ILE B 346 2.74 -21.93 7.91
N GLU B 347 3.07 -21.12 8.90
CA GLU B 347 4.45 -21.06 9.32
C GLU B 347 4.46 -21.11 10.84
N LYS B 348 5.55 -21.61 11.40
CA LYS B 348 5.63 -21.88 12.83
C LYS B 348 4.48 -22.80 13.25
N ASN B 349 4.19 -23.79 12.37
CA ASN B 349 3.12 -24.76 12.57
C ASN B 349 3.15 -25.44 13.94
N ASP B 350 4.34 -25.86 14.38
CA ASP B 350 4.48 -26.43 15.72
C ASP B 350 3.89 -25.52 16.80
N VAL B 351 4.38 -24.27 16.87
CA VAL B 351 4.04 -23.35 17.96
C VAL B 351 2.53 -23.04 18.00
N VAL B 352 1.99 -22.83 19.19
CA VAL B 352 0.59 -22.42 19.31
C VAL B 352 0.55 -21.08 20.04
N PHE B 353 -0.26 -20.16 19.54
CA PHE B 353 -0.18 -18.79 20.01
C PHE B 353 -1.37 -18.35 20.85
N SER B 354 -2.58 -18.67 20.39
CA SER B 354 -3.84 -18.23 20.98
C SER B 354 -4.72 -19.41 21.39
N MET B 355 -5.72 -19.10 22.23
CA MET B 355 -6.61 -20.11 22.81
C MET B 355 -7.34 -20.89 21.73
N ASP B 356 -7.60 -20.25 20.61
CA ASP B 356 -8.30 -20.91 19.54
C ASP B 356 -7.32 -21.75 18.71
C10 HO7 C . -8.33 -6.86 8.54
C13 HO7 C . -9.20 -5.65 6.20
C01 HO7 C . -8.90 -12.07 6.59
C02 HO7 C . -8.34 -12.93 7.78
C04 HO7 C . -8.84 -10.53 8.69
C06 HO7 C . -10.04 -8.71 8.13
C07 HO7 C . -10.06 -9.62 6.90
C09 HO7 C . -9.34 -7.42 7.76
C11 HO7 C . -7.78 -5.65 8.14
C12 HO7 C . -8.21 -5.06 6.95
C14 HO7 C . -9.75 -6.83 6.61
N05 HO7 C . -9.29 -9.27 9.27
N08 HO7 C . -9.29 -10.76 7.30
S03 HO7 C . -7.93 -11.83 9.15
BR1 HO7 C . -7.48 -3.40 6.29
#